data_9VXW
#
_entry.id   9VXW
#
_cell.length_a   1.00
_cell.length_b   1.00
_cell.length_c   1.00
_cell.angle_alpha   90.00
_cell.angle_beta   90.00
_cell.angle_gamma   90.00
#
_symmetry.space_group_name_H-M   'P 1'
#
loop_
_entity.id
_entity.type
_entity.pdbx_description
1 polymer Aquaporin-11,sfGFP
2 non-polymer DECANE
#
_entity_poly.entity_id   1
_entity_poly.type   'polypeptide(L)'
_entity_poly.pdbx_seq_one_letter_code
;MSPLLGLRSELQDTCTSLGLMLSVVLLMGLARVVARQQLHRPVAHAFVLEFLATFQLCCCTHELQLLSEQHPAHPTWTLT
LVYFFSLVHGLTLVGTSSNPCGVMMQMMLGGMSPETGAVRLLAQLVSALCSRYCTSALWSLGLTQYHVSERSFACKNPIR
VDLLKAVITEAVCSFLFHSALLHFQEVRTKLRIHLLAALITFLVYAGGSLTGAVFNPALALSLHFMCFDEAFPQFFIVYW
LAPSLGILLMILMFSFFLPWLHNNHTINKKENSLEVLFQGPTAAAASKGEELFTGVVPILVELDGDVNGHKFSVRGEGEG
DATNGKLTLKFICTTGKLPVPWPTLVTTLTYGVQCFSRYPDHMKRHDFFKSAMPEGYVQERTISFKDDGTYKTRAEVKFE
GDTLVNRIELKGIDFKEDGNILGHKLEYNFNSHNVYITADKQKNGIKANFKIRHNVEDGSVQLADHYQQNTPIGDGPVLL
PDNHYLSTQSVLSKDPNEKRDHMVLLEFVTAAGITHGMDELYKSGGGHHHHHHHHHH
;
_entity_poly.pdbx_strand_id   A
#
loop_
_chem_comp.id
_chem_comp.type
_chem_comp.name
_chem_comp.formula
D10 non-polymer DECANE 'C10 H22'
#
# COMPACT_ATOMS: atom_id res chain seq x y z
N SER A 9 5.44 2.44 29.91
CA SER A 9 5.98 1.76 28.73
C SER A 9 5.08 1.96 27.53
N GLU A 10 3.79 1.66 27.69
CA GLU A 10 2.84 1.81 26.59
C GLU A 10 2.70 3.28 26.18
N LEU A 11 2.92 4.21 27.11
CA LEU A 11 2.96 5.62 26.74
C LEU A 11 4.12 5.92 25.80
N GLN A 12 5.30 5.35 26.10
CA GLN A 12 6.43 5.50 25.19
C GLN A 12 6.29 4.62 23.96
N ASP A 13 5.67 3.44 24.12
CA ASP A 13 5.49 2.54 22.99
C ASP A 13 4.60 3.16 21.92
N THR A 14 3.50 3.79 22.32
CA THR A 14 2.59 4.36 21.34
C THR A 14 3.14 5.65 20.73
N CYS A 15 3.73 6.51 21.56
CA CYS A 15 4.24 7.78 21.06
C CYS A 15 5.33 7.57 20.02
N THR A 16 6.20 6.59 20.24
CA THR A 16 7.24 6.29 19.27
C THR A 16 6.64 5.84 17.93
N SER A 17 5.57 5.03 17.98
CA SER A 17 4.97 4.52 16.76
C SER A 17 4.39 5.64 15.92
N LEU A 18 3.57 6.52 16.53
CA LEU A 18 3.07 7.67 15.80
C LEU A 18 4.19 8.60 15.37
N GLY A 19 5.18 8.80 16.24
CA GLY A 19 6.25 9.72 15.93
C GLY A 19 7.03 9.31 14.69
N LEU A 20 7.31 8.02 14.54
CA LEU A 20 8.06 7.54 13.37
C LEU A 20 7.26 7.75 12.09
N MET A 21 5.96 7.44 12.11
CA MET A 21 5.15 7.62 10.91
C MET A 21 5.06 9.08 10.51
N LEU A 22 4.86 9.97 11.47
CA LEU A 22 4.85 11.39 11.17
C LEU A 22 6.25 11.86 10.77
N SER A 23 7.29 11.26 11.33
CA SER A 23 8.64 11.56 10.88
C SER A 23 8.85 11.15 9.43
N VAL A 24 8.38 9.95 9.06
CA VAL A 24 8.54 9.48 7.70
C VAL A 24 7.77 10.36 6.72
N VAL A 25 6.55 10.76 7.10
CA VAL A 25 5.76 11.62 6.22
C VAL A 25 6.47 12.95 5.98
N LEU A 26 7.04 13.52 7.05
CA LEU A 26 7.82 14.75 6.89
C LEU A 26 9.11 14.50 6.12
N LEU A 27 9.76 13.35 6.35
CA LEU A 27 11.03 13.08 5.70
C LEU A 27 10.87 12.80 4.21
N MET A 28 9.83 12.06 3.81
CA MET A 28 9.56 11.88 2.39
C MET A 28 8.99 13.15 1.78
N GLY A 29 8.33 13.99 2.58
CA GLY A 29 7.87 15.27 2.07
C GLY A 29 9.03 16.19 1.73
N LEU A 30 10.04 16.24 2.59
CA LEU A 30 11.23 17.03 2.29
C LEU A 30 11.99 16.47 1.09
N ALA A 31 12.08 15.14 0.99
CA ALA A 31 12.75 14.52 -0.15
C ALA A 31 12.02 14.84 -1.46
N ARG A 32 10.69 14.87 -1.42
CA ARG A 32 9.93 15.27 -2.60
C ARG A 32 10.21 16.73 -2.95
N VAL A 33 10.29 17.59 -1.94
CA VAL A 33 10.62 19.00 -2.17
C VAL A 33 12.02 19.13 -2.75
N VAL A 34 12.98 18.40 -2.17
CA VAL A 34 14.36 18.46 -2.66
C VAL A 34 14.45 17.92 -4.08
N ALA A 35 13.79 16.78 -4.34
CA ALA A 35 13.82 16.20 -5.68
C ALA A 35 13.20 17.15 -6.70
N ARG A 36 12.12 17.84 -6.31
CA ARG A 36 11.43 18.76 -7.20
C ARG A 36 12.29 19.99 -7.54
N GLN A 37 13.40 20.19 -6.84
CA GLN A 37 14.25 21.35 -7.07
C GLN A 37 15.57 21.03 -7.76
N GLN A 38 15.91 19.74 -7.92
CA GLN A 38 17.16 19.39 -8.59
C GLN A 38 17.03 18.19 -9.51
N LEU A 39 15.83 17.87 -9.98
CA LEU A 39 15.62 16.74 -10.89
C LEU A 39 14.84 17.25 -12.09
N HIS A 40 15.57 17.58 -13.17
CA HIS A 40 14.97 18.10 -14.39
C HIS A 40 14.75 17.04 -15.45
N ARG A 41 15.06 15.78 -15.16
CA ARG A 41 14.78 14.69 -16.08
C ARG A 41 13.43 14.08 -15.76
N PRO A 42 12.44 14.17 -16.65
CA PRO A 42 11.09 13.69 -16.29
C PRO A 42 11.03 12.23 -15.91
N VAL A 43 11.84 11.38 -16.54
CA VAL A 43 11.85 9.96 -16.20
C VAL A 43 12.48 9.75 -14.81
N ALA A 44 13.56 10.47 -14.53
CA ALA A 44 14.20 10.34 -13.22
C ALA A 44 13.30 10.85 -12.11
N HIS A 45 12.60 11.96 -12.35
CA HIS A 45 11.68 12.48 -11.34
C HIS A 45 10.52 11.53 -11.09
N ALA A 46 10.02 10.88 -12.15
CA ALA A 46 8.96 9.90 -11.98
C ALA A 46 9.42 8.72 -11.13
N PHE A 47 10.68 8.30 -11.29
CA PHE A 47 11.19 7.19 -10.49
C PHE A 47 11.29 7.58 -9.02
N VAL A 48 11.86 8.74 -8.72
CA VAL A 48 12.13 9.12 -7.34
C VAL A 48 10.83 9.31 -6.57
N LEU A 49 9.88 10.01 -7.17
CA LEU A 49 8.61 10.26 -6.48
C LEU A 49 7.89 8.95 -6.17
N GLU A 50 7.91 8.00 -7.11
CA GLU A 50 7.31 6.70 -6.85
C GLU A 50 8.06 5.94 -5.77
N PHE A 51 9.38 6.08 -5.74
CA PHE A 51 10.17 5.46 -4.67
C PHE A 51 9.83 6.07 -3.32
N LEU A 52 9.69 7.39 -3.25
CA LEU A 52 9.35 8.03 -1.99
C LEU A 52 7.93 7.71 -1.57
N ALA A 53 6.99 7.72 -2.52
CA ALA A 53 5.59 7.45 -2.18
C ALA A 53 5.40 6.02 -1.70
N THR A 54 6.06 5.06 -2.35
CA THR A 54 5.94 3.66 -1.92
C THR A 54 6.61 3.44 -0.57
N PHE A 55 7.75 4.11 -0.34
CA PHE A 55 8.44 3.99 0.94
C PHE A 55 7.58 4.50 2.09
N GLN A 56 6.93 5.65 1.91
CA GLN A 56 6.07 6.20 2.94
C GLN A 56 4.90 5.26 3.22
N LEU A 57 4.26 4.75 2.17
CA LEU A 57 3.10 3.88 2.34
C LEU A 57 3.49 2.58 3.04
N CYS A 58 4.65 2.02 2.69
CA CYS A 58 5.06 0.75 3.28
C CYS A 58 5.44 0.93 4.75
N CYS A 59 6.23 1.97 5.05
CA CYS A 59 6.68 2.17 6.43
C CYS A 59 5.52 2.48 7.37
N CYS A 60 4.59 3.35 6.94
CA CYS A 60 3.45 3.67 7.78
C CYS A 60 2.56 2.45 7.98
N THR A 61 2.34 1.67 6.92
CA THR A 61 1.54 0.45 7.05
C THR A 61 2.21 -0.56 7.96
N HIS A 62 3.55 -0.66 7.87
CA HIS A 62 4.28 -1.53 8.78
C HIS A 62 4.04 -1.13 10.22
N GLU A 63 4.12 0.17 10.53
CA GLU A 63 3.92 0.64 11.89
C GLU A 63 2.46 0.49 12.31
N LEU A 64 1.52 0.75 11.40
CA LEU A 64 0.11 0.60 11.74
C LEU A 64 -0.24 -0.84 12.08
N GLN A 65 0.28 -1.79 11.30
CA GLN A 65 0.02 -3.20 11.59
C GLN A 65 0.65 -3.62 12.90
N LEU A 66 1.86 -3.14 13.17
CA LEU A 66 2.52 -3.45 14.44
C LEU A 66 1.78 -2.85 15.62
N LEU A 67 1.25 -1.63 15.45
CA LEU A 67 0.42 -1.02 16.49
C LEU A 67 -0.83 -1.84 16.76
N SER A 68 -1.47 -2.32 15.69
CA SER A 68 -2.73 -3.05 15.83
C SER A 68 -2.55 -4.33 16.63
N GLU A 69 -1.49 -5.08 16.35
CA GLU A 69 -1.29 -6.35 17.05
C GLU A 69 -0.84 -6.15 18.48
N GLN A 70 -0.31 -4.97 18.82
CA GLN A 70 0.00 -4.65 20.21
C GLN A 70 -1.21 -4.12 20.97
N HIS A 71 -2.30 -3.83 20.28
CA HIS A 71 -3.51 -3.26 20.89
C HIS A 71 -4.72 -4.08 20.46
N PRO A 72 -4.81 -5.34 20.88
CA PRO A 72 -5.93 -6.18 20.43
C PRO A 72 -7.25 -5.85 21.09
N ALA A 73 -7.24 -5.25 22.28
CA ALA A 73 -8.47 -4.96 23.00
C ALA A 73 -9.21 -3.75 22.46
N HIS A 74 -8.60 -2.97 21.58
CA HIS A 74 -9.22 -1.77 21.02
C HIS A 74 -9.05 -1.78 19.50
N PRO A 75 -9.71 -2.71 18.81
CA PRO A 75 -9.58 -2.76 17.35
C PRO A 75 -10.09 -1.52 16.66
N THR A 76 -11.11 -0.87 17.22
CA THR A 76 -11.63 0.35 16.62
C THR A 76 -10.66 1.53 16.77
N TRP A 77 -9.73 1.46 17.72
CA TRP A 77 -8.77 2.55 17.89
C TRP A 77 -7.86 2.67 16.68
N THR A 78 -7.31 1.54 16.20
CA THR A 78 -6.45 1.56 15.04
C THR A 78 -7.20 1.91 13.76
N LEU A 79 -8.51 1.65 13.73
CA LEU A 79 -9.29 1.95 12.53
C LEU A 79 -9.28 3.45 12.22
N THR A 80 -9.40 4.28 13.24
CA THR A 80 -9.30 5.73 13.03
C THR A 80 -7.91 6.12 12.56
N LEU A 81 -6.88 5.50 13.12
CA LEU A 81 -5.51 5.78 12.69
C LEU A 81 -5.29 5.33 11.25
N VAL A 82 -5.91 4.20 10.87
CA VAL A 82 -5.83 3.75 9.48
C VAL A 82 -6.47 4.77 8.56
N TYR A 83 -7.64 5.29 8.94
CA TYR A 83 -8.28 6.34 8.15
C TYR A 83 -7.42 7.59 8.11
N PHE A 84 -6.89 8.01 9.27
CA PHE A 84 -6.10 9.23 9.33
C PHE A 84 -4.89 9.15 8.41
N PHE A 85 -4.18 8.02 8.43
CA PHE A 85 -2.98 7.92 7.62
C PHE A 85 -3.28 7.68 6.15
N SER A 86 -4.39 7.01 5.84
CA SER A 86 -4.83 6.92 4.45
C SER A 86 -5.14 8.31 3.89
N LEU A 87 -5.77 9.16 4.70
CA LEU A 87 -6.03 10.54 4.27
C LEU A 87 -4.73 11.31 4.12
N VAL A 88 -3.76 11.07 5.00
CA VAL A 88 -2.46 11.74 4.90
C VAL A 88 -1.74 11.35 3.62
N HIS A 89 -1.74 10.05 3.29
CA HIS A 89 -1.11 9.62 2.05
C HIS A 89 -1.74 10.28 0.83
N GLY A 90 -3.07 10.40 0.82
CA GLY A 90 -3.73 11.04 -0.30
C GLY A 90 -3.33 12.50 -0.46
N LEU A 91 -3.14 13.20 0.66
CA LEU A 91 -2.80 14.62 0.62
C LEU A 91 -1.34 14.87 0.27
N THR A 92 -0.43 13.95 0.61
CA THR A 92 1.00 14.21 0.44
C THR A 92 1.60 13.48 -0.75
N LEU A 93 0.98 12.42 -1.24
CA LEU A 93 1.54 11.58 -2.29
C LEU A 93 0.81 11.79 -3.62
N VAL A 94 0.50 13.05 -3.92
CA VAL A 94 -0.23 13.38 -5.14
C VAL A 94 0.65 13.14 -6.36
N GLY A 95 0.07 12.51 -7.38
CA GLY A 95 0.78 12.23 -8.61
C GLY A 95 1.46 10.88 -8.67
N THR A 96 1.28 10.04 -7.65
CA THR A 96 1.87 8.71 -7.62
C THR A 96 0.77 7.69 -7.40
N SER A 97 1.10 6.43 -7.61
CA SER A 97 0.19 5.32 -7.37
C SER A 97 0.56 4.48 -6.15
N SER A 98 1.85 4.19 -5.97
CA SER A 98 2.34 3.34 -4.89
C SER A 98 1.68 1.97 -4.92
N ASN A 99 1.30 1.52 -6.11
CA ASN A 99 0.59 0.27 -6.30
C ASN A 99 0.88 -0.26 -7.69
N PRO A 100 1.52 -1.42 -7.82
CA PRO A 100 1.72 -2.00 -9.15
C PRO A 100 0.41 -2.28 -9.88
N CYS A 101 -0.63 -2.70 -9.14
CA CYS A 101 -1.92 -2.94 -9.76
C CYS A 101 -2.54 -1.64 -10.27
N GLY A 102 -2.30 -0.53 -9.58
CA GLY A 102 -2.73 0.76 -10.10
C GLY A 102 -2.03 1.14 -11.38
N VAL A 103 -0.77 0.74 -11.53
CA VAL A 103 -0.03 1.06 -12.75
C VAL A 103 -0.57 0.26 -13.93
N MET A 104 -0.89 -1.02 -13.72
CA MET A 104 -1.50 -1.80 -14.80
C MET A 104 -2.83 -1.18 -15.22
N MET A 105 -3.60 -0.67 -14.26
CA MET A 105 -4.88 -0.05 -14.60
C MET A 105 -4.69 1.17 -15.48
N GLN A 106 -3.69 2.00 -15.17
CA GLN A 106 -3.45 3.20 -15.99
C GLN A 106 -2.83 2.86 -17.33
N MET A 107 -2.10 1.74 -17.43
CA MET A 107 -1.55 1.35 -18.72
C MET A 107 -2.62 0.76 -19.62
N MET A 108 -3.57 0.04 -19.03
CA MET A 108 -4.60 -0.69 -19.75
C MET A 108 -5.90 0.10 -19.85
N LEU A 109 -6.48 0.50 -18.71
CA LEU A 109 -7.65 1.36 -18.70
C LEU A 109 -7.25 2.82 -18.58
N GLY A 110 -6.37 3.27 -19.46
CA GLY A 110 -5.88 4.63 -19.40
C GLY A 110 -4.81 4.86 -20.44
N GLY A 111 -4.19 6.04 -20.37
CA GLY A 111 -3.20 6.46 -21.34
C GLY A 111 -1.75 6.35 -20.90
N MET A 112 -1.47 5.70 -19.77
CA MET A 112 -0.09 5.59 -19.30
C MET A 112 0.70 4.66 -20.21
N SER A 113 1.79 5.17 -20.77
CA SER A 113 2.59 4.38 -21.68
C SER A 113 3.39 3.33 -20.91
N PRO A 114 3.75 2.21 -21.56
CA PRO A 114 4.60 1.22 -20.89
C PRO A 114 5.98 1.76 -20.55
N GLU A 115 6.45 2.80 -21.23
CA GLU A 115 7.78 3.34 -20.93
C GLU A 115 7.80 3.96 -19.54
N THR A 116 6.82 4.81 -19.22
CA THR A 116 6.73 5.37 -17.88
C THR A 116 6.16 4.37 -16.88
N GLY A 117 5.34 3.43 -17.35
CA GLY A 117 4.81 2.42 -16.45
C GLY A 117 5.87 1.49 -15.92
N ALA A 118 6.85 1.12 -16.76
CA ALA A 118 7.90 0.22 -16.32
C ALA A 118 8.79 0.87 -15.26
N VAL A 119 9.05 2.18 -15.40
CA VAL A 119 9.86 2.87 -14.41
C VAL A 119 9.14 2.94 -13.08
N ARG A 120 7.83 3.20 -13.11
CA ARG A 120 7.06 3.26 -11.87
C ARG A 120 6.99 1.89 -11.20
N LEU A 121 6.82 0.83 -11.98
CA LEU A 121 6.78 -0.51 -11.42
C LEU A 121 8.10 -0.86 -10.76
N LEU A 122 9.22 -0.53 -11.40
CA LEU A 122 10.53 -0.78 -10.80
C LEU A 122 10.72 0.01 -9.52
N ALA A 123 10.36 1.31 -9.54
CA ALA A 123 10.53 2.15 -8.36
C ALA A 123 9.74 1.61 -7.18
N GLN A 124 8.54 1.08 -7.44
CA GLN A 124 7.76 0.48 -6.36
C GLN A 124 8.44 -0.76 -5.80
N LEU A 125 9.05 -1.57 -6.66
CA LEU A 125 9.65 -2.81 -6.21
C LEU A 125 10.95 -2.55 -5.43
N VAL A 126 11.76 -1.59 -5.87
CA VAL A 126 12.95 -1.23 -5.11
C VAL A 126 12.55 -0.63 -3.77
N SER A 127 11.51 0.20 -3.76
CA SER A 127 11.07 0.83 -2.52
C SER A 127 10.54 -0.20 -1.53
N ALA A 128 9.79 -1.19 -2.03
CA ALA A 128 9.22 -2.20 -1.15
C ALA A 128 10.32 -2.99 -0.45
N LEU A 129 11.38 -3.35 -1.18
CA LEU A 129 12.50 -4.04 -0.56
C LEU A 129 13.29 -3.10 0.34
N CYS A 130 13.48 -1.85 -0.08
CA CYS A 130 14.18 -0.88 0.74
C CYS A 130 13.41 -0.56 2.01
N SER A 131 12.08 -0.45 1.89
CA SER A 131 11.25 -0.18 3.06
C SER A 131 11.37 -1.31 4.08
N ARG A 132 11.38 -2.56 3.61
CA ARG A 132 11.53 -3.68 4.53
C ARG A 132 12.89 -3.65 5.23
N TYR A 133 13.95 -3.38 4.47
CA TYR A 133 15.27 -3.29 5.09
C TYR A 133 15.34 -2.16 6.10
N CYS A 134 14.86 -0.97 5.73
CA CYS A 134 14.82 0.14 6.66
C CYS A 134 13.91 -0.18 7.85
N THR A 135 12.83 -0.93 7.60
CA THR A 135 12.00 -1.44 8.69
C THR A 135 12.81 -2.36 9.60
N SER A 136 13.60 -3.26 9.00
CA SER A 136 14.47 -4.13 9.79
C SER A 136 15.65 -3.36 10.37
N ALA A 137 16.20 -2.42 9.61
CA ALA A 137 17.30 -1.60 10.14
C ALA A 137 16.81 -0.76 11.32
N LEU A 138 15.63 -0.14 11.17
CA LEU A 138 15.00 0.48 12.32
C LEU A 138 14.52 -0.59 13.29
N TRP A 139 14.12 -0.16 14.48
CA TRP A 139 13.63 -1.02 15.55
C TRP A 139 14.78 -1.81 16.17
N SER A 140 15.95 -1.76 15.53
CA SER A 140 17.15 -2.38 16.07
C SER A 140 18.04 -1.40 16.80
N LEU A 141 17.66 -0.12 16.83
CA LEU A 141 18.37 0.90 17.56
C LEU A 141 17.85 1.08 18.98
N GLY A 142 16.91 0.23 19.41
CA GLY A 142 16.30 0.37 20.71
C GLY A 142 14.87 0.86 20.60
N LEU A 143 14.63 2.09 21.05
CA LEU A 143 13.34 2.78 20.91
C LEU A 143 12.28 1.95 21.62
N THR A 144 11.24 1.47 20.94
CA THR A 144 10.12 0.81 21.58
C THR A 144 10.52 -0.56 22.13
N GLN A 145 9.84 -0.98 23.19
CA GLN A 145 10.10 -2.29 23.77
C GLN A 145 9.76 -3.41 22.78
N TYR A 146 8.62 -3.31 22.11
CA TYR A 146 8.28 -4.33 21.12
C TYR A 146 9.10 -4.19 19.85
N HIS A 147 9.74 -3.04 19.63
CA HIS A 147 10.61 -2.88 18.47
C HIS A 147 11.88 -3.72 18.60
N VAL A 148 12.25 -4.08 19.83
CA VAL A 148 13.50 -4.80 20.06
C VAL A 148 13.53 -6.10 19.27
N SER A 149 12.41 -6.82 19.26
CA SER A 149 12.31 -8.00 18.40
C SER A 149 12.36 -7.61 16.93
N GLU A 150 11.76 -6.46 16.58
CA GLU A 150 11.72 -5.96 15.21
C GLU A 150 11.03 -6.95 14.28
N ARG A 151 10.08 -7.71 14.82
CA ARG A 151 9.35 -8.79 14.15
C ARG A 151 10.24 -9.98 13.84
N SER A 152 11.54 -9.89 14.10
CA SER A 152 12.51 -10.97 13.88
C SER A 152 12.47 -11.51 12.45
N PHE A 153 11.95 -10.69 11.52
CA PHE A 153 11.71 -11.06 10.12
C PHE A 153 11.23 -12.51 10.01
N ALA A 154 10.16 -12.80 10.73
CA ALA A 154 9.56 -14.12 10.78
C ALA A 154 8.18 -14.09 10.13
N CYS A 155 7.90 -15.08 9.29
CA CYS A 155 6.62 -15.15 8.61
C CYS A 155 5.48 -15.28 9.62
N LYS A 156 4.46 -14.45 9.44
CA LYS A 156 3.28 -14.45 10.32
C LYS A 156 2.04 -15.00 9.65
N ASN A 157 2.12 -15.36 8.36
CA ASN A 157 1.00 -15.90 7.60
C ASN A 157 -0.22 -14.99 7.71
N PRO A 158 -0.23 -13.85 7.03
CA PRO A 158 -1.37 -12.93 7.13
C PRO A 158 -2.69 -13.54 6.67
N ILE A 159 -2.65 -14.55 5.80
CA ILE A 159 -3.87 -15.19 5.30
C ILE A 159 -4.09 -16.49 6.05
N ARG A 160 -5.26 -16.61 6.67
CA ARG A 160 -5.68 -17.83 7.35
C ARG A 160 -6.85 -18.50 6.67
N VAL A 161 -7.62 -17.79 5.85
CA VAL A 161 -8.73 -18.36 5.10
C VAL A 161 -8.18 -19.29 4.02
N ASP A 162 -9.06 -20.05 3.38
CA ASP A 162 -8.64 -20.95 2.33
C ASP A 162 -8.06 -20.17 1.15
N LEU A 163 -7.36 -20.89 0.28
CA LEU A 163 -6.73 -20.28 -0.88
C LEU A 163 -7.75 -19.61 -1.78
N LEU A 164 -8.89 -20.26 -1.99
CA LEU A 164 -9.93 -19.68 -2.84
C LEU A 164 -10.52 -18.42 -2.22
N LYS A 165 -10.74 -18.45 -0.89
CA LYS A 165 -11.32 -17.29 -0.22
C LYS A 165 -10.40 -16.09 -0.31
N ALA A 166 -9.10 -16.29 -0.10
CA ALA A 166 -8.16 -15.18 -0.11
C ALA A 166 -8.02 -14.57 -1.51
N VAL A 167 -8.07 -15.42 -2.55
CA VAL A 167 -7.99 -14.91 -3.92
C VAL A 167 -9.20 -14.04 -4.23
N ILE A 168 -10.40 -14.50 -3.84
CA ILE A 168 -11.61 -13.71 -4.04
C ILE A 168 -11.52 -12.40 -3.28
N THR A 169 -11.02 -12.44 -2.05
CA THR A 169 -10.91 -11.23 -1.24
C THR A 169 -10.01 -10.21 -1.91
N GLU A 170 -8.84 -10.64 -2.40
CA GLU A 170 -7.89 -9.70 -2.98
C GLU A 170 -8.35 -9.21 -4.34
N ALA A 171 -8.98 -10.08 -5.14
CA ALA A 171 -9.51 -9.66 -6.42
C ALA A 171 -10.65 -8.67 -6.27
N VAL A 172 -11.57 -8.93 -5.34
CA VAL A 172 -12.71 -8.03 -5.14
C VAL A 172 -12.26 -6.70 -4.57
N CYS A 173 -11.36 -6.73 -3.58
CA CYS A 173 -10.85 -5.48 -3.01
C CYS A 173 -10.11 -4.66 -4.06
N SER A 174 -9.29 -5.32 -4.88
CA SER A 174 -8.60 -4.63 -5.97
C SER A 174 -9.59 -4.07 -6.97
N PHE A 175 -10.63 -4.85 -7.32
CA PHE A 175 -11.68 -4.34 -8.19
C PHE A 175 -12.39 -3.15 -7.55
N LEU A 176 -12.76 -3.28 -6.28
CA LEU A 176 -13.55 -2.23 -5.62
C LEU A 176 -12.76 -0.94 -5.51
N PHE A 177 -11.49 -1.02 -5.10
CA PHE A 177 -10.70 0.19 -4.91
C PHE A 177 -10.39 0.86 -6.25
N HIS A 178 -9.93 0.09 -7.24
CA HIS A 178 -9.43 0.68 -8.47
C HIS A 178 -10.56 1.15 -9.38
N SER A 179 -11.72 0.52 -9.32
CA SER A 179 -12.88 1.05 -10.02
C SER A 179 -13.28 2.40 -9.45
N ALA A 180 -13.29 2.53 -8.13
CA ALA A 180 -13.53 3.83 -7.51
C ALA A 180 -12.43 4.82 -7.87
N LEU A 181 -11.17 4.36 -7.87
CA LEU A 181 -10.07 5.21 -8.31
C LEU A 181 -10.27 5.68 -9.74
N LEU A 182 -10.81 4.81 -10.60
CA LEU A 182 -11.06 5.19 -11.98
C LEU A 182 -12.29 6.10 -12.08
N HIS A 183 -13.31 5.85 -11.27
CA HIS A 183 -14.57 6.59 -11.36
C HIS A 183 -14.54 7.90 -10.59
N PHE A 184 -13.58 8.11 -9.69
CA PHE A 184 -13.45 9.35 -8.96
C PHE A 184 -12.48 10.32 -9.62
N GLN A 185 -12.09 10.06 -10.86
CA GLN A 185 -11.12 10.91 -11.53
C GLN A 185 -11.65 12.32 -11.74
N GLU A 186 -12.92 12.44 -12.16
CA GLU A 186 -13.52 13.75 -12.39
C GLU A 186 -13.97 14.42 -11.10
N VAL A 187 -14.07 13.68 -10.00
CA VAL A 187 -14.49 14.25 -8.72
C VAL A 187 -13.48 15.29 -8.26
N ARG A 188 -13.95 16.26 -7.48
CA ARG A 188 -13.06 17.24 -6.86
C ARG A 188 -11.96 16.54 -6.07
N THR A 189 -10.74 17.08 -6.16
CA THR A 189 -9.58 16.41 -5.58
C THR A 189 -9.72 16.25 -4.08
N LYS A 190 -10.16 17.30 -3.38
CA LYS A 190 -10.27 17.23 -1.93
C LYS A 190 -11.31 16.21 -1.50
N LEU A 191 -12.46 16.16 -2.19
CA LEU A 191 -13.47 15.17 -1.88
C LEU A 191 -12.98 13.76 -2.21
N ARG A 192 -12.28 13.60 -3.34
CA ARG A 192 -11.85 12.28 -3.77
C ARG A 192 -10.91 11.64 -2.75
N ILE A 193 -9.99 12.41 -2.19
CA ILE A 193 -9.04 11.87 -1.22
C ILE A 193 -9.76 11.34 0.01
N HIS A 194 -10.78 12.08 0.48
CA HIS A 194 -11.57 11.62 1.61
C HIS A 194 -12.35 10.35 1.27
N LEU A 195 -12.89 10.27 0.05
CA LEU A 195 -13.65 9.09 -0.33
C LEU A 195 -12.76 7.85 -0.45
N LEU A 196 -11.56 8.01 -1.02
CA LEU A 196 -10.67 6.87 -1.17
C LEU A 196 -10.11 6.42 0.18
N ALA A 197 -9.86 7.37 1.08
CA ALA A 197 -9.42 7.01 2.43
C ALA A 197 -10.49 6.22 3.16
N ALA A 198 -11.76 6.62 3.02
CA ALA A 198 -12.85 5.86 3.61
C ALA A 198 -12.95 4.48 3.00
N LEU A 199 -12.81 4.37 1.68
CA LEU A 199 -12.86 3.07 1.02
C LEU A 199 -11.71 2.17 1.45
N ILE A 200 -10.50 2.74 1.59
CA ILE A 200 -9.36 1.96 2.05
C ILE A 200 -9.62 1.42 3.44
N THR A 201 -10.17 2.26 4.33
CA THR A 201 -10.46 1.82 5.69
C THR A 201 -11.47 0.68 5.70
N PHE A 202 -12.51 0.78 4.89
CA PHE A 202 -13.51 -0.29 4.82
C PHE A 202 -12.87 -1.58 4.33
N LEU A 203 -12.07 -1.51 3.27
CA LEU A 203 -11.45 -2.72 2.74
C LEU A 203 -10.51 -3.36 3.77
N VAL A 204 -9.74 -2.53 4.47
CA VAL A 204 -8.89 -3.05 5.55
C VAL A 204 -9.75 -3.65 6.65
N TYR A 205 -10.82 -2.97 7.04
CA TYR A 205 -11.73 -3.52 8.04
C TYR A 205 -12.38 -4.81 7.53
N ALA A 206 -12.81 -4.80 6.27
CA ALA A 206 -13.50 -5.97 5.72
C ALA A 206 -12.52 -7.13 5.47
N GLY A 207 -11.33 -6.83 4.96
CA GLY A 207 -10.41 -7.88 4.56
C GLY A 207 -9.25 -8.13 5.47
N GLY A 208 -9.01 -7.23 6.44
CA GLY A 208 -7.84 -7.35 7.29
C GLY A 208 -7.85 -8.60 8.14
N SER A 209 -9.03 -9.04 8.58
CA SER A 209 -9.13 -10.24 9.39
C SER A 209 -9.00 -11.52 8.58
N LEU A 210 -9.04 -11.44 7.24
CA LEU A 210 -8.98 -12.60 6.39
C LEU A 210 -7.68 -12.67 5.58
N THR A 211 -7.26 -11.56 5.00
CA THR A 211 -6.10 -11.55 4.11
C THR A 211 -5.13 -10.44 4.52
N GLY A 212 -5.65 -9.38 5.13
CA GLY A 212 -4.92 -8.16 5.34
C GLY A 212 -5.35 -7.04 4.41
N ALA A 213 -6.06 -7.37 3.33
CA ALA A 213 -6.60 -6.41 2.38
C ALA A 213 -5.51 -5.48 1.86
N VAL A 214 -4.54 -6.07 1.19
CA VAL A 214 -3.43 -5.31 0.63
C VAL A 214 -3.77 -4.78 -0.76
N PHE A 215 -4.24 -5.66 -1.64
CA PHE A 215 -4.49 -5.37 -3.06
C PHE A 215 -3.44 -4.42 -3.62
N ASN A 216 -2.19 -4.72 -3.30
CA ASN A 216 -1.02 -3.91 -3.62
C ASN A 216 0.19 -4.81 -3.64
N PRO A 217 0.61 -5.28 -4.82
CA PRO A 217 1.73 -6.23 -4.87
C PRO A 217 3.02 -5.71 -4.24
N ALA A 218 3.32 -4.42 -4.40
CA ALA A 218 4.52 -3.87 -3.79
C ALA A 218 4.42 -3.85 -2.27
N LEU A 219 3.27 -3.40 -1.75
CA LEU A 219 3.10 -3.35 -0.29
C LEU A 219 3.13 -4.75 0.32
N ALA A 220 2.54 -5.73 -0.37
CA ALA A 220 2.57 -7.10 0.12
C ALA A 220 3.99 -7.66 0.11
N LEU A 221 4.83 -7.21 -0.83
CA LEU A 221 6.21 -7.66 -0.86
C LEU A 221 6.96 -7.20 0.38
N SER A 222 6.75 -5.96 0.81
CA SER A 222 7.44 -5.47 2.00
C SER A 222 6.90 -6.11 3.27
N LEU A 223 5.58 -6.20 3.38
CA LEU A 223 4.98 -6.73 4.61
C LEU A 223 5.34 -8.19 4.83
N HIS A 224 5.28 -9.01 3.79
CA HIS A 224 5.38 -10.46 3.92
C HIS A 224 6.50 -11.02 3.05
N PHE A 225 7.65 -10.35 3.00
CA PHE A 225 8.75 -10.84 2.17
C PHE A 225 9.25 -12.20 2.66
N MET A 226 9.40 -12.37 3.97
CA MET A 226 9.86 -13.65 4.49
C MET A 226 8.79 -14.73 4.33
N CYS A 227 7.51 -14.34 4.37
CA CYS A 227 6.45 -15.27 4.03
C CYS A 227 6.53 -15.67 2.57
N PHE A 228 6.87 -14.72 1.69
CA PHE A 228 7.02 -15.02 0.28
C PHE A 228 8.15 -16.01 0.04
N ASP A 229 9.27 -15.84 0.73
CA ASP A 229 10.42 -16.71 0.51
C ASP A 229 10.12 -18.15 0.92
N GLU A 230 9.39 -18.32 2.03
CA GLU A 230 9.11 -19.68 2.51
C GLU A 230 8.19 -20.43 1.57
N ALA A 231 7.08 -19.80 1.16
CA ALA A 231 6.11 -20.41 0.25
C ALA A 231 5.78 -19.36 -0.82
N PHE A 232 6.55 -19.37 -1.91
CA PHE A 232 6.38 -18.35 -2.94
C PHE A 232 5.04 -18.46 -3.67
N PRO A 233 4.71 -19.58 -4.33
CA PRO A 233 3.52 -19.57 -5.20
C PRO A 233 2.24 -19.23 -4.46
N GLN A 234 2.10 -19.72 -3.23
CA GLN A 234 0.90 -19.47 -2.47
C GLN A 234 0.72 -17.99 -2.15
N PHE A 235 1.81 -17.30 -1.78
CA PHE A 235 1.74 -15.86 -1.56
C PHE A 235 1.77 -15.08 -2.86
N PHE A 236 2.46 -15.58 -3.88
CA PHE A 236 2.42 -14.91 -5.19
C PHE A 236 1.05 -14.99 -5.82
N ILE A 237 0.27 -16.03 -5.52
CA ILE A 237 -1.07 -16.15 -6.07
C ILE A 237 -2.02 -15.16 -5.38
N VAL A 238 -1.96 -15.11 -4.05
CA VAL A 238 -2.92 -14.30 -3.29
C VAL A 238 -2.64 -12.82 -3.46
N TYR A 239 -1.37 -12.42 -3.44
CA TYR A 239 -1.02 -11.01 -3.38
C TYR A 239 -0.53 -10.43 -4.69
N TRP A 240 -0.17 -11.25 -5.66
CA TRP A 240 0.24 -10.73 -6.96
C TRP A 240 -0.73 -11.09 -8.08
N LEU A 241 -1.20 -12.34 -8.10
CA LEU A 241 -2.14 -12.76 -9.14
C LEU A 241 -3.56 -12.25 -8.85
N ALA A 242 -4.06 -12.50 -7.65
CA ALA A 242 -5.44 -12.12 -7.32
C ALA A 242 -5.70 -10.63 -7.46
N PRO A 243 -4.87 -9.72 -6.93
CA PRO A 243 -5.12 -8.29 -7.19
C PRO A 243 -5.04 -7.94 -8.66
N SER A 244 -4.15 -8.58 -9.42
CA SER A 244 -4.07 -8.33 -10.85
C SER A 244 -5.30 -8.87 -11.58
N LEU A 245 -5.97 -9.87 -10.99
CA LEU A 245 -7.20 -10.38 -11.58
C LEU A 245 -8.36 -9.42 -11.37
N GLY A 246 -8.33 -8.64 -10.28
CA GLY A 246 -9.34 -7.62 -10.09
C GLY A 246 -9.24 -6.51 -11.13
N ILE A 247 -8.03 -6.18 -11.55
CA ILE A 247 -7.85 -5.20 -12.61
C ILE A 247 -8.37 -5.73 -13.93
N LEU A 248 -8.13 -7.02 -14.19
CA LEU A 248 -8.62 -7.64 -15.42
C LEU A 248 -10.14 -7.67 -15.44
N LEU A 249 -10.77 -7.94 -14.29
CA LEU A 249 -12.22 -7.91 -14.22
C LEU A 249 -12.77 -6.52 -14.49
N MET A 250 -12.02 -5.47 -14.12
CA MET A 250 -12.41 -4.12 -14.49
C MET A 250 -12.37 -3.92 -16.00
N ILE A 251 -11.37 -4.49 -16.67
CA ILE A 251 -11.29 -4.37 -18.12
C ILE A 251 -12.50 -5.04 -18.77
N LEU A 252 -12.83 -6.24 -18.32
CA LEU A 252 -13.98 -6.94 -18.89
C LEU A 252 -15.27 -6.19 -18.61
N MET A 253 -15.45 -5.69 -17.39
CA MET A 253 -16.68 -5.01 -17.04
C MET A 253 -16.78 -3.64 -17.72
N PHE A 254 -15.74 -2.84 -17.63
CA PHE A 254 -15.82 -1.44 -18.05
C PHE A 254 -15.36 -1.19 -19.48
N SER A 255 -14.84 -2.19 -20.18
CA SER A 255 -14.52 -2.05 -21.59
C SER A 255 -15.33 -2.95 -22.50
N PHE A 256 -15.81 -4.10 -22.03
CA PHE A 256 -16.58 -5.02 -22.84
C PHE A 256 -18.04 -5.10 -22.44
N PHE A 257 -18.32 -5.39 -21.17
CA PHE A 257 -19.70 -5.67 -20.76
C PHE A 257 -20.54 -4.40 -20.74
N LEU A 258 -20.17 -3.42 -19.92
CA LEU A 258 -20.97 -2.21 -19.78
C LEU A 258 -21.15 -1.45 -21.08
N PRO A 259 -20.13 -1.22 -21.91
CA PRO A 259 -20.38 -0.52 -23.19
C PRO A 259 -21.38 -1.24 -24.07
N TRP A 260 -21.32 -2.57 -24.11
CA TRP A 260 -22.28 -3.35 -24.89
C TRP A 260 -23.63 -3.41 -24.21
N LEU A 261 -23.65 -3.46 -22.88
CA LEU A 261 -24.91 -3.50 -22.14
C LEU A 261 -25.70 -2.21 -22.34
N HIS A 262 -25.01 -1.07 -22.37
CA HIS A 262 -25.68 0.22 -22.50
C HIS A 262 -25.38 0.85 -23.86
C1 D10 B . -16.24 9.86 4.74
C2 D10 B . -17.36 8.86 4.48
C3 D10 B . -17.67 7.99 5.69
C4 D10 B . -16.49 7.14 6.14
C5 D10 B . -16.89 5.74 6.60
C6 D10 B . -15.74 4.75 6.53
C7 D10 B . -16.03 3.44 7.26
C8 D10 B . -14.88 2.44 7.17
C9 D10 B . -14.85 1.44 8.32
C10 D10 B . -16.15 0.67 8.45
#